data_6QXJ
#
_entry.id   6QXJ
#
_cell.length_a   99.210
_cell.length_b   135.950
_cell.length_c   37.800
_cell.angle_alpha   90.000
_cell.angle_beta   90.000
_cell.angle_gamma   90.000
#
_symmetry.space_group_name_H-M   'P 21 21 2'
#
loop_
_entity.id
_entity.type
_entity.pdbx_description
1 polymer 'Maltose-binding periplasmic protein,Induced myeloid leukemia cell differentiation protein Mcl-1'
2 branched alpha-D-glucopyranose-(1-4)-alpha-D-glucopyranose
3 non-polymer '(2~{R})-2-[[6-ethyl-5-(1~{H}-indol-5-yl)thieno[2,3-d]pyrimidin-4-yl]amino]propanoic acid'
4 non-polymer 'SODIUM ION'
5 water water
#
_entity_poly.entity_id   1
_entity_poly.type   'polypeptide(L)'
_entity_poly.pdbx_seq_one_letter_code
;MKIEEGKLVIWINGDKGYNGLAEVGKKFEKDTGIKVTVEHPDKLEEKFPQVAATGDGPDIIFWAHDRFGGYAQSGLLAEI
TPDKAFQDKLYPFTWDAVRYNGKLIAYPIAVEALSLIYNKDLLPNPPKTWEEIPALDKELKAKGKSALMFNLQEPYFTWP
LIAADGGYAFKYAAGKYDIKDVGVDNAGAKAGLTFLVDLIKNKHMNADTDYSIAEAAFNKGETAMTINGPWAWSNIDTSA
VNYGVTVLPTFKGQPSKPFVGVLSAGINAASPNKELAKEFLENYLLTDEGLEAVNKDKPLGAVALKSYEEELAKDPRIAA
TMENAQKGEIMPNIPQMSAFWYAVRTAVINAASGRQTVDEALKDAQTGSELYRQSLEIISRYLREQATGAADTAPMGASG
ATSRKALETLRRVGDGVQRNHETAFQGMLRKLDIKNEDDVKSLSRVMIHVFSDGVTNWGRIVTLISFGAFVAKHLKTINQ
ESCIEPLAESITDVLVRTKRDWLVKQRGWDGFVEFFHV
;
_entity_poly.pdbx_strand_id   A
#
loop_
_chem_comp.id
_chem_comp.type
_chem_comp.name
_chem_comp.formula
GLC D-saccharide, alpha linking alpha-D-glucopyranose 'C6 H12 O6'
JKQ non-polymer '(2~{R})-2-[[6-ethyl-5-(1~{H}-indol-5-yl)thieno[2,3-d]pyrimidin-4-yl]amino]propanoic acid' 'C19 H18 N4 O2 S'
NA non-polymer 'SODIUM ION' 'Na 1'
#
# COMPACT_ATOMS: atom_id res chain seq x y z
N MET A 1 5.08 11.46 27.01
CA MET A 1 4.86 10.71 25.76
C MET A 1 3.53 11.14 25.22
N LYS A 2 3.48 11.37 23.93
CA LYS A 2 2.41 12.14 23.39
C LYS A 2 1.00 11.47 23.59
N ILE A 3 0.80 10.17 23.36
CA ILE A 3 -0.56 9.60 23.41
C ILE A 3 -1.05 9.53 24.87
N GLU A 4 -2.27 10.02 25.09
CA GLU A 4 -2.84 10.02 26.44
C GLU A 4 -3.25 8.68 27.01
N GLU A 5 -2.95 8.44 28.28
CA GLU A 5 -3.31 7.17 28.90
C GLU A 5 -4.69 7.24 29.49
N GLY A 6 -5.44 6.14 29.41
CA GLY A 6 -6.72 5.98 30.03
C GLY A 6 -7.88 6.40 29.19
N LYS A 7 -7.65 6.42 27.86
CA LYS A 7 -8.70 6.64 26.89
C LYS A 7 -8.22 5.97 25.60
N LEU A 8 -9.14 5.69 24.71
CA LEU A 8 -8.74 5.16 23.36
C LEU A 8 -9.13 6.05 22.26
N VAL A 9 -8.16 6.39 21.40
CA VAL A 9 -8.43 7.10 20.21
C VAL A 9 -8.26 6.07 19.05
N ILE A 10 -9.25 5.99 18.19
CA ILE A 10 -9.25 5.10 17.04
C ILE A 10 -9.38 5.88 15.75
N TRP A 11 -8.60 5.53 14.70
CA TRP A 11 -8.76 6.06 13.43
C TRP A 11 -9.34 4.99 12.47
N ILE A 12 -10.32 5.34 11.68
CA ILE A 12 -10.86 4.45 10.62
C ILE A 12 -11.25 5.31 9.46
N ASN A 13 -11.29 4.77 8.24
CA ASN A 13 -11.48 5.60 7.06
C ASN A 13 -12.95 6.04 7.01
N GLY A 14 -13.15 7.16 6.37
CA GLY A 14 -14.52 7.73 6.36
C GLY A 14 -15.55 7.00 5.55
N ASP A 15 -15.16 6.00 4.76
CA ASP A 15 -16.15 5.21 4.04
C ASP A 15 -16.64 3.99 4.88
N LYS A 16 -16.10 3.78 6.13
CA LYS A 16 -16.46 2.66 6.92
C LYS A 16 -17.49 3.04 7.97
N GLY A 17 -17.94 2.06 8.73
CA GLY A 17 -19.02 2.21 9.67
C GLY A 17 -18.55 2.84 11.00
N TYR A 18 -18.00 4.04 10.93
CA TYR A 18 -17.45 4.69 12.12
C TYR A 18 -18.49 5.04 13.17
N ASN A 19 -19.74 5.30 12.77
CA ASN A 19 -20.76 5.50 13.83
C ASN A 19 -21.12 4.23 14.56
N GLY A 20 -21.13 3.12 13.83
CA GLY A 20 -21.28 1.84 14.52
C GLY A 20 -20.12 1.51 15.40
N LEU A 21 -18.88 1.82 14.94
CA LEU A 21 -17.73 1.54 15.76
C LEU A 21 -17.80 2.35 17.07
N ALA A 22 -18.28 3.57 16.98
CA ALA A 22 -18.41 4.43 18.18
C ALA A 22 -19.46 3.86 19.12
N GLU A 23 -20.50 3.21 18.62
CA GLU A 23 -21.42 2.42 19.52
C GLU A 23 -20.76 1.31 20.30
N VAL A 24 -19.84 0.55 19.63
CA VAL A 24 -19.05 -0.43 20.31
C VAL A 24 -18.18 0.26 21.42
N GLY A 25 -17.73 1.45 21.08
CA GLY A 25 -16.89 2.24 21.98
C GLY A 25 -17.69 2.67 23.20
N LYS A 26 -18.97 2.95 22.98
CA LYS A 26 -19.86 3.35 24.11
C LYS A 26 -20.16 2.21 25.04
N LYS A 27 -20.23 1.01 24.47
CA LYS A 27 -20.38 -0.19 25.22
C LYS A 27 -19.18 -0.46 26.06
N PHE A 28 -18.02 -0.24 25.46
CA PHE A 28 -16.81 -0.41 26.22
C PHE A 28 -16.74 0.52 27.41
N GLU A 29 -17.11 1.77 27.16
CA GLU A 29 -17.08 2.84 28.19
C GLU A 29 -18.03 2.45 29.33
N LYS A 30 -19.23 2.02 28.97
CA LYS A 30 -20.20 1.60 29.98
C LYS A 30 -19.66 0.50 30.94
N ASP A 31 -18.91 -0.46 30.44
CA ASP A 31 -18.35 -1.52 31.28
C ASP A 31 -17.06 -1.12 31.95
N THR A 32 -16.25 -0.25 31.34
CA THR A 32 -14.88 0.00 31.84
C THR A 32 -14.65 1.39 32.40
N GLY A 33 -15.51 2.37 32.09
CA GLY A 33 -15.21 3.78 32.35
C GLY A 33 -14.25 4.46 31.42
N ILE A 34 -13.79 3.74 30.39
CA ILE A 34 -12.82 4.27 29.47
C ILE A 34 -13.55 4.82 28.27
N LYS A 35 -13.30 6.09 27.97
CA LYS A 35 -13.97 6.69 26.83
C LYS A 35 -13.22 6.35 25.55
N VAL A 36 -13.98 6.15 24.48
CA VAL A 36 -13.43 5.80 23.17
C VAL A 36 -13.86 6.82 22.17
N THR A 37 -12.89 7.43 21.51
CA THR A 37 -13.11 8.43 20.51
C THR A 37 -12.78 7.78 19.17
N VAL A 38 -13.76 7.80 18.30
CA VAL A 38 -13.50 7.38 16.87
C VAL A 38 -13.43 8.55 15.96
N GLU A 39 -12.34 8.68 15.17
CA GLU A 39 -12.19 9.72 14.25
C GLU A 39 -11.95 9.09 12.87
N HIS A 40 -12.21 9.89 11.84
CA HIS A 40 -11.98 9.48 10.43
C HIS A 40 -11.23 10.57 9.70
N PRO A 41 -9.97 10.78 10.09
CA PRO A 41 -9.19 11.79 9.41
C PRO A 41 -8.99 11.59 7.93
N ASP A 42 -8.87 12.65 7.19
CA ASP A 42 -8.53 12.51 5.76
C ASP A 42 -7.10 11.95 5.65
N LYS A 43 -6.86 11.14 4.62
CA LYS A 43 -5.55 10.62 4.28
C LYS A 43 -4.92 9.94 5.50
N LEU A 44 -5.69 9.16 6.26
CA LEU A 44 -5.19 8.64 7.53
C LEU A 44 -4.06 7.68 7.34
N GLU A 45 -4.10 6.95 6.26
CA GLU A 45 -3.07 5.95 5.95
C GLU A 45 -1.70 6.56 5.71
N GLU A 46 -1.69 7.80 5.25
CA GLU A 46 -0.44 8.59 5.08
C GLU A 46 -0.08 9.30 6.35
N LYS A 47 -1.06 9.77 7.11
CA LYS A 47 -0.79 10.50 8.35
C LYS A 47 -0.27 9.57 9.44
N PHE A 48 -0.82 8.36 9.55
CA PHE A 48 -0.39 7.47 10.63
C PHE A 48 1.14 7.28 10.73
N PRO A 49 1.79 6.94 9.66
CA PRO A 49 3.22 6.68 9.80
C PRO A 49 4.00 7.94 10.14
N GLN A 50 3.52 9.09 9.70
CA GLN A 50 4.19 10.33 10.07
C GLN A 50 4.07 10.54 11.59
N VAL A 51 2.88 10.51 12.14
CA VAL A 51 2.71 10.84 13.56
C VAL A 51 3.17 9.75 14.49
N ALA A 52 3.00 8.48 14.11
CA ALA A 52 3.31 7.42 15.01
C ALA A 52 4.84 7.39 15.18
N ALA A 53 5.56 7.85 14.20
CA ALA A 53 7.05 7.76 14.26
C ALA A 53 7.57 8.70 15.31
N THR A 54 6.77 9.68 15.69
CA THR A 54 7.10 10.57 16.78
C THR A 54 6.52 10.12 18.11
N GLY A 55 5.91 8.95 18.22
CA GLY A 55 5.23 8.62 19.47
C GLY A 55 3.80 9.12 19.69
N ASP A 56 3.21 9.68 18.64
CA ASP A 56 1.89 10.31 18.67
C ASP A 56 0.95 9.43 17.81
N GLY A 57 -0.24 9.93 17.56
CA GLY A 57 -1.30 9.23 16.80
C GLY A 57 -2.32 8.49 17.59
N PRO A 58 -3.21 7.75 16.88
CA PRO A 58 -4.22 7.03 17.59
C PRO A 58 -3.75 5.79 18.36
N ASP A 59 -4.50 5.31 19.36
CA ASP A 59 -4.18 4.05 19.98
C ASP A 59 -4.32 2.82 18.99
N ILE A 60 -5.35 2.91 18.15
CA ILE A 60 -5.76 1.87 17.20
C ILE A 60 -5.95 2.49 15.83
N ILE A 61 -5.38 1.86 14.82
CA ILE A 61 -5.59 2.24 13.45
C ILE A 61 -6.23 1.15 12.63
N PHE A 62 -7.31 1.47 11.87
CA PHE A 62 -7.98 0.53 11.03
C PHE A 62 -7.56 0.84 9.63
N TRP A 63 -7.10 -0.13 8.84
CA TRP A 63 -6.92 0.09 7.45
C TRP A 63 -6.88 -1.30 6.83
N ALA A 64 -7.00 -1.45 5.50
CA ALA A 64 -6.67 -2.74 4.94
C ALA A 64 -5.22 -3.17 5.29
N HIS A 65 -5.05 -4.45 5.26
CA HIS A 65 -3.80 -5.08 5.69
C HIS A 65 -2.62 -4.72 4.89
N ASP A 66 -2.78 -4.22 3.64
CA ASP A 66 -1.64 -3.93 2.83
C ASP A 66 -0.66 -2.89 3.36
N ARG A 67 -1.14 -1.89 4.10
CA ARG A 67 -0.29 -0.88 4.66
C ARG A 67 0.43 -1.31 5.92
N PHE A 68 0.07 -2.43 6.52
CA PHE A 68 0.49 -2.75 7.89
C PHE A 68 1.96 -3.26 7.94
N GLY A 69 2.43 -3.93 6.88
CA GLY A 69 3.87 -4.35 6.87
C GLY A 69 4.88 -3.26 6.91
N GLY A 70 4.59 -2.15 6.26
CA GLY A 70 5.32 -0.93 6.27
C GLY A 70 5.33 -0.38 7.67
N TYR A 71 4.17 -0.37 8.29
CA TYR A 71 4.12 0.24 9.63
C TYR A 71 4.89 -0.63 10.61
N ALA A 72 4.75 -1.94 10.48
CA ALA A 72 5.46 -2.91 11.35
C ALA A 72 6.97 -2.82 11.11
N GLN A 73 7.43 -2.62 9.87
CA GLN A 73 8.87 -2.52 9.59
C GLN A 73 9.43 -1.31 10.25
N SER A 74 8.66 -0.22 10.24
CA SER A 74 9.06 1.02 10.86
C SER A 74 8.95 0.97 12.40
N GLY A 75 8.52 -0.12 13.01
CA GLY A 75 8.43 -0.21 14.45
C GLY A 75 7.22 0.51 15.01
N LEU A 76 6.19 0.72 14.16
CA LEU A 76 5.03 1.53 14.61
C LEU A 76 3.87 0.76 15.19
N LEU A 77 3.92 -0.55 15.11
CA LEU A 77 2.90 -1.47 15.68
C LEU A 77 3.31 -2.36 16.76
N ALA A 78 2.45 -2.52 17.72
CA ALA A 78 2.63 -3.57 18.74
C ALA A 78 2.41 -4.97 18.15
N GLU A 79 3.30 -5.90 18.45
CA GLU A 79 2.99 -7.30 18.16
C GLU A 79 1.76 -7.71 18.93
N ILE A 80 0.81 -8.35 18.28
CA ILE A 80 -0.33 -8.81 19.07
C ILE A 80 -0.16 -10.32 19.33
N THR A 81 -0.57 -10.76 20.51
CA THR A 81 -0.45 -12.19 20.86
C THR A 81 -1.76 -12.69 21.43
N PRO A 82 -2.80 -12.80 20.60
CA PRO A 82 -4.02 -13.50 21.01
C PRO A 82 -3.72 -14.96 21.33
N ASP A 83 -4.40 -15.49 22.30
CA ASP A 83 -4.19 -16.86 22.67
C ASP A 83 -4.91 -17.76 21.62
N LYS A 84 -4.64 -19.04 21.75
CA LYS A 84 -5.24 -20.05 20.82
C LYS A 84 -6.74 -20.04 20.71
N ALA A 85 -7.47 -19.89 21.78
CA ALA A 85 -8.90 -19.90 21.71
C ALA A 85 -9.45 -18.69 20.93
N PHE A 86 -8.77 -17.55 21.05
CA PHE A 86 -9.21 -16.36 20.35
C PHE A 86 -8.82 -16.55 18.86
N GLN A 87 -7.63 -17.04 18.59
CA GLN A 87 -7.20 -17.24 17.20
C GLN A 87 -8.17 -18.10 16.45
N ASP A 88 -8.65 -19.16 17.09
CA ASP A 88 -9.60 -20.08 16.46
C ASP A 88 -10.99 -19.51 16.22
N LYS A 89 -11.30 -18.34 16.73
CA LYS A 89 -12.56 -17.75 16.44
C LYS A 89 -12.51 -17.07 15.04
N LEU A 90 -11.34 -16.83 14.48
CA LEU A 90 -11.25 -16.13 13.16
C LEU A 90 -10.74 -17.09 12.12
N TYR A 91 -11.11 -16.83 10.85
CA TYR A 91 -10.49 -17.60 9.74
C TYR A 91 -9.04 -17.50 9.60
N PRO A 92 -8.35 -18.64 9.42
CA PRO A 92 -6.92 -18.59 9.37
C PRO A 92 -6.35 -17.76 8.24
N PHE A 93 -7.06 -17.75 7.15
CA PHE A 93 -6.54 -16.92 6.05
C PHE A 93 -6.59 -15.37 6.36
N THR A 94 -7.51 -14.97 7.21
CA THR A 94 -7.51 -13.57 7.67
C THR A 94 -6.32 -13.33 8.57
N TRP A 95 -5.96 -14.29 9.48
CA TRP A 95 -4.72 -14.12 10.15
C TRP A 95 -3.47 -14.09 9.30
N ASP A 96 -3.45 -14.88 8.22
CA ASP A 96 -2.33 -14.88 7.34
C ASP A 96 -2.09 -13.47 6.78
N ALA A 97 -3.16 -12.74 6.52
CA ALA A 97 -3.02 -11.40 5.92
C ALA A 97 -2.32 -10.39 6.88
N VAL A 98 -2.34 -10.64 8.19
CA VAL A 98 -1.78 -9.73 9.15
C VAL A 98 -0.55 -10.35 9.86
N ARG A 99 0.06 -11.30 9.18
CA ARG A 99 1.31 -11.88 9.65
C ARG A 99 2.43 -11.28 8.87
N TYR A 100 3.43 -10.73 9.56
CA TYR A 100 4.55 -10.09 8.92
C TYR A 100 5.81 -10.61 9.65
N ASN A 101 6.80 -11.04 8.89
CA ASN A 101 8.04 -11.55 9.49
C ASN A 101 7.75 -12.55 10.61
N GLY A 102 6.79 -13.42 10.39
CA GLY A 102 6.32 -14.40 11.33
C GLY A 102 5.58 -13.95 12.56
N LYS A 103 5.24 -12.68 12.69
CA LYS A 103 4.56 -12.14 13.87
C LYS A 103 3.24 -11.54 13.42
N LEU A 104 2.23 -11.68 14.25
CA LEU A 104 0.95 -11.03 14.04
C LEU A 104 1.01 -9.55 14.43
N ILE A 105 0.61 -8.70 13.49
CA ILE A 105 0.78 -7.33 13.67
C ILE A 105 -0.51 -6.55 13.74
N ALA A 106 -1.61 -7.25 13.68
CA ALA A 106 -2.91 -6.60 13.68
C ALA A 106 -3.93 -7.67 13.82
N TYR A 107 -5.12 -7.22 14.18
CA TYR A 107 -6.27 -8.07 14.26
C TYR A 107 -7.07 -7.93 12.97
N PRO A 108 -7.35 -9.05 12.30
CA PRO A 108 -8.18 -8.97 11.09
C PRO A 108 -9.62 -8.79 11.44
N ILE A 109 -10.34 -8.00 10.64
CA ILE A 109 -11.76 -7.70 10.84
C ILE A 109 -12.68 -8.26 9.80
N ALA A 110 -12.37 -8.01 8.55
CA ALA A 110 -13.31 -8.37 7.47
C ALA A 110 -12.62 -8.42 6.12
N VAL A 111 -13.11 -9.24 5.21
CA VAL A 111 -12.56 -9.35 3.87
C VAL A 111 -13.39 -8.53 2.86
N GLU A 112 -12.68 -7.70 2.14
CA GLU A 112 -13.26 -6.68 1.20
C GLU A 112 -12.80 -7.02 -0.19
N ALA A 113 -13.74 -7.09 -1.12
CA ALA A 113 -13.31 -7.13 -2.52
C ALA A 113 -14.31 -6.30 -3.29
N LEU A 114 -13.82 -5.68 -4.34
CA LEU A 114 -14.72 -4.96 -5.21
C LEU A 114 -15.63 -5.87 -6.00
N SER A 115 -16.83 -5.40 -6.31
CA SER A 115 -17.77 -6.09 -7.20
C SER A 115 -18.35 -5.10 -8.22
N LEU A 116 -19.07 -5.62 -9.21
CA LEU A 116 -19.85 -4.83 -10.11
C LEU A 116 -21.19 -4.65 -9.49
N ILE A 117 -21.59 -3.39 -9.35
CA ILE A 117 -22.85 -3.06 -8.78
C ILE A 117 -23.67 -2.49 -9.90
N TYR A 118 -24.94 -2.94 -10.07
CA TYR A 118 -25.68 -2.50 -11.23
C TYR A 118 -27.10 -2.15 -10.83
N ASN A 119 -27.69 -1.26 -11.62
CA ASN A 119 -29.05 -0.84 -11.45
C ASN A 119 -29.95 -1.82 -12.25
N LYS A 120 -30.68 -2.68 -11.54
CA LYS A 120 -31.55 -3.70 -12.16
C LYS A 120 -32.69 -3.14 -12.98
N ASP A 121 -33.10 -1.95 -12.64
CA ASP A 121 -34.13 -1.28 -13.47
C ASP A 121 -33.61 -0.73 -14.77
N LEU A 122 -32.34 -0.39 -14.86
CA LEU A 122 -31.77 0.11 -16.10
C LEU A 122 -31.14 -0.98 -16.93
N LEU A 123 -30.60 -1.99 -16.26
CA LEU A 123 -29.75 -2.96 -16.82
C LEU A 123 -30.01 -4.29 -16.16
N PRO A 124 -31.14 -4.96 -16.60
CA PRO A 124 -31.48 -6.22 -16.02
C PRO A 124 -30.48 -7.34 -16.18
N ASN A 125 -29.70 -7.28 -17.26
CA ASN A 125 -28.66 -8.22 -17.53
C ASN A 125 -27.35 -7.46 -17.66
N PRO A 126 -26.58 -7.43 -16.62
CA PRO A 126 -25.29 -6.76 -16.76
C PRO A 126 -24.31 -7.47 -17.64
N PRO A 127 -23.41 -6.69 -18.27
CA PRO A 127 -22.45 -7.19 -19.21
C PRO A 127 -21.52 -8.13 -18.52
N LYS A 128 -21.22 -9.19 -19.24
CA LYS A 128 -20.26 -10.15 -18.80
C LYS A 128 -18.80 -9.81 -19.18
N THR A 129 -18.63 -8.93 -20.13
CA THR A 129 -17.34 -8.49 -20.62
C THR A 129 -17.16 -7.00 -20.57
N TRP A 130 -15.90 -6.56 -20.37
CA TRP A 130 -15.57 -5.17 -20.56
C TRP A 130 -15.82 -4.63 -21.97
N GLU A 131 -15.49 -5.51 -22.94
CA GLU A 131 -15.51 -5.15 -24.34
C GLU A 131 -16.92 -4.74 -24.83
N GLU A 132 -17.98 -5.19 -24.14
CA GLU A 132 -19.34 -4.82 -24.56
C GLU A 132 -19.81 -3.52 -23.93
N ILE A 133 -19.00 -2.94 -23.03
CA ILE A 133 -19.39 -1.69 -22.40
C ILE A 133 -19.55 -0.48 -23.32
N PRO A 134 -18.61 -0.25 -24.25
CA PRO A 134 -18.77 0.86 -25.17
C PRO A 134 -20.16 0.83 -25.88
N ALA A 135 -20.54 -0.31 -26.42
CA ALA A 135 -21.85 -0.44 -27.13
C ALA A 135 -22.97 -0.22 -26.17
N LEU A 136 -22.85 -0.79 -24.97
CA LEU A 136 -23.89 -0.53 -23.99
C LEU A 136 -24.02 0.97 -23.64
N ASP A 137 -22.88 1.67 -23.49
CA ASP A 137 -22.94 3.04 -23.17
C ASP A 137 -23.64 3.83 -24.30
N LYS A 138 -23.40 3.47 -25.53
CA LYS A 138 -24.06 4.14 -26.64
C LYS A 138 -25.56 3.98 -26.54
N GLU A 139 -25.96 2.76 -26.24
CA GLU A 139 -27.40 2.47 -26.08
C GLU A 139 -28.01 3.27 -24.93
N LEU A 140 -27.32 3.37 -23.80
CA LEU A 140 -27.79 4.12 -22.66
C LEU A 140 -27.80 5.61 -22.84
N LYS A 141 -26.79 6.12 -23.59
CA LYS A 141 -26.72 7.55 -23.81
C LYS A 141 -27.94 8.08 -24.61
N ALA A 142 -28.46 7.28 -25.50
CA ALA A 142 -29.71 7.64 -26.23
C ALA A 142 -30.89 7.91 -25.34
N LYS A 143 -30.88 7.31 -24.15
CA LYS A 143 -31.89 7.48 -23.08
C LYS A 143 -31.48 8.36 -21.96
N GLY A 144 -30.40 9.10 -22.11
CA GLY A 144 -29.94 10.02 -21.11
C GLY A 144 -29.26 9.38 -19.90
N LYS A 145 -28.65 8.20 -20.10
CA LYS A 145 -27.97 7.50 -19.03
C LYS A 145 -26.58 7.13 -19.50
N SER A 146 -25.74 6.69 -18.58
CA SER A 146 -24.47 6.18 -18.95
C SER A 146 -24.33 4.76 -18.44
N ALA A 147 -23.41 4.02 -19.03
CA ALA A 147 -23.12 2.63 -18.58
C ALA A 147 -22.42 2.49 -17.25
N LEU A 148 -21.35 3.22 -17.04
CA LEU A 148 -20.44 2.86 -15.88
C LEU A 148 -19.68 4.08 -15.41
N MET A 149 -19.75 4.29 -14.09
CA MET A 149 -18.95 5.29 -13.44
C MET A 149 -18.34 4.74 -12.20
N PHE A 150 -17.04 4.98 -12.02
CA PHE A 150 -16.39 4.56 -10.78
C PHE A 150 -15.17 5.46 -10.56
N ASN A 151 -14.60 5.37 -9.40
CA ASN A 151 -13.59 6.31 -8.96
C ASN A 151 -12.28 6.09 -9.74
N LEU A 152 -11.86 7.05 -10.53
CA LEU A 152 -10.65 6.94 -11.31
C LEU A 152 -9.49 7.64 -10.61
N GLN A 153 -9.66 8.12 -9.40
CA GLN A 153 -8.59 8.82 -8.69
C GLN A 153 -7.83 7.91 -7.73
N GLU A 154 -8.32 6.69 -7.52
CA GLU A 154 -7.69 5.72 -6.58
C GLU A 154 -7.50 4.49 -7.40
N PRO A 155 -6.24 4.03 -7.59
CA PRO A 155 -6.02 2.89 -8.43
C PRO A 155 -6.60 1.57 -7.98
N TYR A 156 -7.03 1.46 -6.74
CA TYR A 156 -7.70 0.26 -6.28
C TYR A 156 -8.84 -0.13 -7.17
N PHE A 157 -9.52 0.89 -7.77
CA PHE A 157 -10.72 0.62 -8.52
C PHE A 157 -10.45 0.21 -9.97
N THR A 158 -9.29 0.64 -10.50
CA THR A 158 -8.89 0.28 -11.87
C THR A 158 -8.03 -0.98 -11.89
N TRP A 159 -7.41 -1.28 -10.75
CA TRP A 159 -6.63 -2.53 -10.66
C TRP A 159 -7.24 -3.83 -11.18
N PRO A 160 -8.53 -4.09 -10.94
CA PRO A 160 -9.06 -5.35 -11.38
C PRO A 160 -8.89 -5.48 -12.91
N LEU A 161 -9.06 -4.38 -13.61
CA LEU A 161 -8.95 -4.41 -15.06
C LEU A 161 -7.46 -4.47 -15.54
N ILE A 162 -6.62 -3.72 -14.89
CA ILE A 162 -5.16 -3.81 -15.17
C ILE A 162 -4.61 -5.19 -14.98
N ALA A 163 -5.05 -5.85 -13.93
CA ALA A 163 -4.62 -7.21 -13.59
C ALA A 163 -5.20 -8.33 -14.43
N ALA A 164 -6.31 -8.07 -15.12
CA ALA A 164 -7.06 -9.15 -15.77
C ALA A 164 -6.19 -9.93 -16.76
N ASP A 165 -5.55 -9.25 -17.70
CA ASP A 165 -4.83 -9.86 -18.81
C ASP A 165 -3.35 -10.07 -18.49
N GLY A 166 -2.98 -9.87 -17.25
CA GLY A 166 -1.70 -10.34 -16.70
C GLY A 166 -0.88 -9.30 -15.99
N GLY A 167 -1.41 -8.07 -15.75
CA GLY A 167 -0.71 -7.13 -14.83
C GLY A 167 -0.58 -7.71 -13.43
N TYR A 168 0.47 -7.35 -12.71
CA TYR A 168 0.61 -7.84 -11.36
C TYR A 168 1.49 -6.93 -10.54
N ALA A 169 1.41 -7.00 -9.23
CA ALA A 169 2.24 -6.08 -8.46
C ALA A 169 3.56 -6.82 -8.25
N PHE A 170 3.60 -7.76 -7.32
CA PHE A 170 4.83 -8.53 -7.03
C PHE A 170 4.50 -9.98 -7.24
N LYS A 171 5.36 -10.70 -7.96
CA LYS A 171 5.04 -12.07 -8.30
C LYS A 171 5.01 -13.03 -7.10
N TYR A 172 4.01 -13.91 -6.97
CA TYR A 172 4.02 -14.86 -5.84
C TYR A 172 4.39 -16.26 -6.30
N TYR A 177 6.64 -13.66 -1.92
CA TYR A 177 6.62 -12.58 -2.90
C TYR A 177 8.00 -12.27 -3.40
N ASP A 178 8.17 -12.33 -4.71
CA ASP A 178 9.42 -12.03 -5.34
C ASP A 178 9.39 -10.54 -5.64
N ILE A 179 9.98 -9.76 -4.73
CA ILE A 179 10.00 -8.28 -4.85
C ILE A 179 10.82 -7.82 -6.04
N LYS A 180 11.62 -8.73 -6.60
CA LYS A 180 12.37 -8.46 -7.81
C LYS A 180 11.49 -8.42 -9.08
N ASP A 181 10.37 -9.14 -9.05
CA ASP A 181 9.55 -9.32 -10.22
C ASP A 181 8.28 -8.46 -10.13
N VAL A 182 8.26 -7.34 -10.83
CA VAL A 182 7.14 -6.38 -10.75
C VAL A 182 6.48 -6.32 -12.09
N GLY A 183 5.15 -6.35 -12.10
CA GLY A 183 4.43 -6.54 -13.42
C GLY A 183 3.53 -5.40 -13.81
N VAL A 184 4.00 -4.19 -13.51
CA VAL A 184 3.14 -3.02 -13.67
C VAL A 184 3.21 -2.53 -15.08
N ASP A 185 4.34 -2.73 -15.74
CA ASP A 185 4.45 -2.33 -17.10
C ASP A 185 4.50 -3.47 -18.15
N ASN A 186 3.92 -4.61 -17.86
CA ASN A 186 3.95 -5.74 -18.82
C ASN A 186 2.78 -5.59 -19.77
N ALA A 187 2.68 -6.51 -20.73
CA ALA A 187 1.71 -6.32 -21.81
C ALA A 187 0.28 -6.34 -21.30
N GLY A 188 0.03 -7.17 -20.29
CA GLY A 188 -1.27 -7.31 -19.70
C GLY A 188 -1.71 -6.02 -19.04
N ALA A 189 -0.83 -5.43 -18.22
CA ALA A 189 -1.15 -4.17 -17.61
C ALA A 189 -1.44 -3.10 -18.63
N LYS A 190 -0.59 -2.98 -19.66
CA LYS A 190 -0.81 -2.05 -20.73
C LYS A 190 -2.13 -2.27 -21.43
N ALA A 191 -2.52 -3.51 -21.60
CA ALA A 191 -3.74 -3.80 -22.38
C ALA A 191 -4.92 -3.27 -21.55
N GLY A 192 -4.91 -3.57 -20.29
CA GLY A 192 -6.04 -3.14 -19.40
C GLY A 192 -6.14 -1.62 -19.27
N LEU A 193 -5.00 -0.94 -19.04
CA LEU A 193 -5.04 0.46 -18.82
C LEU A 193 -5.36 1.16 -20.21
N THR A 194 -4.92 0.60 -21.34
CA THR A 194 -5.28 1.15 -22.64
C THR A 194 -6.83 1.08 -22.85
N PHE A 195 -7.40 -0.05 -22.45
CA PHE A 195 -8.87 -0.18 -22.58
C PHE A 195 -9.56 0.90 -21.79
N LEU A 196 -9.10 1.18 -20.56
CA LEU A 196 -9.65 2.27 -19.79
C LEU A 196 -9.50 3.60 -20.43
N VAL A 197 -8.34 3.86 -20.96
CA VAL A 197 -8.07 5.11 -21.59
C VAL A 197 -8.95 5.30 -22.86
N ASP A 198 -9.14 4.26 -23.62
CA ASP A 198 -10.01 4.29 -24.75
C ASP A 198 -11.48 4.57 -24.35
N LEU A 199 -11.88 4.08 -23.19
CA LEU A 199 -13.24 4.38 -22.72
C LEU A 199 -13.39 5.86 -22.52
N ILE A 200 -12.31 6.48 -21.98
CA ILE A 200 -12.35 7.88 -21.69
C ILE A 200 -12.30 8.75 -22.98
N LYS A 201 -11.46 8.33 -23.87
CA LYS A 201 -11.26 9.06 -25.13
C LYS A 201 -12.56 9.00 -25.97
N ASN A 202 -13.31 7.92 -25.84
CA ASN A 202 -14.55 7.73 -26.60
C ASN A 202 -15.77 8.26 -25.84
N LYS A 203 -15.54 9.02 -24.75
CA LYS A 203 -16.51 9.68 -23.90
C LYS A 203 -17.44 8.73 -23.22
N HIS A 204 -17.00 7.49 -22.95
CA HIS A 204 -17.82 6.58 -22.16
C HIS A 204 -17.53 6.76 -20.67
N MET A 205 -16.43 7.40 -20.34
CA MET A 205 -16.10 7.79 -18.99
C MET A 205 -15.35 9.12 -18.98
N ASN A 206 -15.30 9.78 -17.84
CA ASN A 206 -14.65 11.08 -17.64
C ASN A 206 -13.50 10.92 -16.69
N ALA A 207 -12.33 11.40 -17.14
CA ALA A 207 -11.10 11.29 -16.30
C ALA A 207 -11.19 11.88 -14.92
N ASP A 208 -12.04 12.87 -14.71
CA ASP A 208 -12.18 13.54 -13.44
C ASP A 208 -13.06 12.83 -12.42
N THR A 209 -13.76 11.78 -12.83
CA THR A 209 -14.64 11.09 -11.91
C THR A 209 -13.91 10.59 -10.66
N ASP A 210 -14.41 10.98 -9.52
CA ASP A 210 -13.93 10.50 -8.24
C ASP A 210 -14.96 9.71 -7.47
N TYR A 211 -14.67 9.36 -6.21
CA TYR A 211 -15.52 8.49 -5.44
C TYR A 211 -16.92 9.11 -5.33
N SER A 212 -16.94 10.39 -4.91
CA SER A 212 -18.21 11.05 -4.64
C SER A 212 -19.02 11.21 -5.88
N ILE A 213 -18.39 11.54 -6.96
CA ILE A 213 -19.12 11.79 -8.24
C ILE A 213 -19.80 10.47 -8.74
N ALA A 214 -19.00 9.38 -8.71
CA ALA A 214 -19.50 8.09 -9.14
C ALA A 214 -20.63 7.61 -8.23
N GLU A 215 -20.49 7.80 -6.93
CA GLU A 215 -21.49 7.36 -5.98
C GLU A 215 -22.79 8.12 -6.22
N ALA A 216 -22.66 9.42 -6.34
CA ALA A 216 -23.83 10.28 -6.59
C ALA A 216 -24.54 9.90 -7.87
N ALA A 217 -23.80 9.67 -8.94
CA ALA A 217 -24.40 9.33 -10.23
C ALA A 217 -25.17 7.98 -10.12
N PHE A 218 -24.54 6.98 -9.48
CA PHE A 218 -25.21 5.68 -9.34
C PHE A 218 -26.46 5.79 -8.48
N ASN A 219 -26.33 6.50 -7.37
CA ASN A 219 -27.38 6.50 -6.39
C ASN A 219 -28.50 7.42 -6.85
N LYS A 220 -28.24 8.30 -7.77
CA LYS A 220 -29.31 9.08 -8.44
C LYS A 220 -29.93 8.41 -9.69
N GLY A 221 -29.44 7.23 -10.05
CA GLY A 221 -29.96 6.57 -11.24
C GLY A 221 -29.51 7.05 -12.56
N GLU A 222 -28.37 7.69 -12.62
CA GLU A 222 -27.87 8.29 -13.87
C GLU A 222 -26.97 7.35 -14.64
N THR A 223 -26.28 6.49 -13.90
CA THR A 223 -25.40 5.53 -14.49
C THR A 223 -25.81 4.10 -14.11
N ALA A 224 -25.73 3.18 -15.06
CA ALA A 224 -26.25 1.82 -14.80
C ALA A 224 -25.37 0.91 -13.96
N MET A 225 -24.12 1.24 -13.83
CA MET A 225 -23.17 0.41 -13.08
C MET A 225 -22.17 1.27 -12.34
N THR A 226 -21.69 0.70 -11.24
CA THR A 226 -20.48 1.22 -10.59
C THR A 226 -19.60 0.05 -10.16
N ILE A 227 -18.38 0.37 -9.69
CA ILE A 227 -17.49 -0.61 -9.12
C ILE A 227 -17.18 -0.14 -7.70
N ASN A 228 -17.52 -0.92 -6.69
CA ASN A 228 -17.33 -0.50 -5.36
C ASN A 228 -17.40 -1.68 -4.42
N GLY A 229 -17.09 -1.45 -3.16
CA GLY A 229 -17.10 -2.50 -2.17
C GLY A 229 -18.27 -2.46 -1.24
N PRO A 230 -18.27 -3.41 -0.30
CA PRO A 230 -19.50 -3.58 0.52
C PRO A 230 -19.90 -2.36 1.33
N TRP A 231 -18.90 -1.56 1.70
CA TRP A 231 -19.12 -0.34 2.52
C TRP A 231 -20.16 0.57 1.77
N ALA A 232 -20.22 0.47 0.42
CA ALA A 232 -21.03 1.33 -0.35
C ALA A 232 -22.49 0.96 -0.32
N TRP A 233 -22.82 -0.20 0.11
CA TRP A 233 -24.22 -0.69 -0.11
C TRP A 233 -25.23 0.10 0.75
N SER A 234 -24.82 0.59 1.91
CA SER A 234 -25.74 1.38 2.75
C SER A 234 -26.27 2.62 2.07
N ASN A 235 -25.41 3.36 1.39
CA ASN A 235 -25.87 4.59 0.75
C ASN A 235 -26.79 4.22 -0.43
N ILE A 236 -26.51 3.10 -1.09
CA ILE A 236 -27.36 2.68 -2.17
C ILE A 236 -28.73 2.26 -1.61
N ASP A 237 -28.73 1.51 -0.50
CA ASP A 237 -30.03 1.17 0.18
C ASP A 237 -30.88 2.41 0.42
N THR A 238 -30.29 3.46 0.97
CA THR A 238 -31.01 4.71 1.26
C THR A 238 -31.57 5.44 0.03
N SER A 239 -30.84 5.31 -1.08
CA SER A 239 -31.23 5.93 -2.36
C SER A 239 -32.42 5.22 -3.02
N ALA A 240 -32.73 4.01 -2.62
CA ALA A 240 -33.84 3.26 -3.30
C ALA A 240 -33.62 2.91 -4.82
N VAL A 241 -32.37 2.85 -5.22
CA VAL A 241 -32.06 2.22 -6.45
C VAL A 241 -32.23 0.72 -6.25
N ASN A 242 -32.85 0.01 -7.22
CA ASN A 242 -32.95 -1.38 -7.16
C ASN A 242 -31.60 -1.98 -7.72
N TYR A 243 -30.74 -2.45 -6.86
CA TYR A 243 -29.37 -2.85 -7.32
C TYR A 243 -29.07 -4.27 -7.13
N GLY A 244 -28.11 -4.76 -7.92
CA GLY A 244 -27.53 -6.01 -7.78
C GLY A 244 -26.06 -5.92 -7.63
N VAL A 245 -25.50 -6.97 -7.06
CA VAL A 245 -24.04 -7.08 -6.86
C VAL A 245 -23.57 -8.37 -7.52
N THR A 246 -22.58 -8.28 -8.41
CA THR A 246 -22.21 -9.37 -9.32
C THR A 246 -20.81 -9.40 -9.69
N VAL A 247 -20.46 -10.45 -10.40
CA VAL A 247 -19.07 -10.66 -10.76
C VAL A 247 -18.62 -9.56 -11.69
N LEU A 248 -17.38 -9.12 -11.50
CA LEU A 248 -16.81 -8.15 -12.40
C LEU A 248 -16.74 -8.67 -13.86
N PRO A 249 -16.83 -7.74 -14.82
CA PRO A 249 -16.80 -8.30 -16.20
C PRO A 249 -15.41 -8.89 -16.54
N THR A 250 -15.36 -9.74 -17.57
CA THR A 250 -14.06 -10.29 -18.01
C THR A 250 -13.40 -9.31 -18.96
N PHE A 251 -12.10 -9.48 -19.22
CA PHE A 251 -11.38 -8.66 -20.10
C PHE A 251 -10.47 -9.63 -20.90
N LYS A 252 -10.54 -9.56 -22.23
CA LYS A 252 -9.83 -10.55 -23.12
C LYS A 252 -10.12 -11.98 -22.65
N GLY A 253 -11.37 -12.23 -22.28
CA GLY A 253 -11.82 -13.49 -21.80
C GLY A 253 -11.35 -13.90 -20.43
N GLN A 254 -10.66 -13.06 -19.67
CA GLN A 254 -10.09 -13.48 -18.42
C GLN A 254 -10.74 -12.67 -17.28
N PRO A 255 -10.91 -13.28 -16.11
CA PRO A 255 -11.60 -12.51 -15.06
C PRO A 255 -10.89 -11.24 -14.66
N SER A 256 -11.67 -10.21 -14.29
CA SER A 256 -11.10 -9.12 -13.52
C SER A 256 -10.58 -9.68 -12.19
N LYS A 257 -9.48 -9.12 -11.75
CA LYS A 257 -8.76 -9.65 -10.56
C LYS A 257 -8.59 -8.56 -9.52
N PRO A 258 -9.59 -8.38 -8.73
CA PRO A 258 -9.45 -7.27 -7.75
C PRO A 258 -8.37 -7.60 -6.69
N PHE A 259 -7.75 -6.60 -6.12
CA PHE A 259 -6.81 -6.77 -5.00
C PHE A 259 -7.65 -6.87 -3.77
N VAL A 260 -7.56 -7.96 -3.00
CA VAL A 260 -8.46 -8.27 -1.90
C VAL A 260 -7.81 -7.73 -0.62
N GLY A 261 -8.57 -6.98 0.15
CA GLY A 261 -8.09 -6.34 1.42
C GLY A 261 -8.76 -6.97 2.60
N VAL A 262 -8.00 -7.12 3.68
CA VAL A 262 -8.59 -7.57 4.96
C VAL A 262 -8.50 -6.30 5.84
N LEU A 263 -9.64 -5.72 6.13
CA LEU A 263 -9.69 -4.57 7.07
C LEU A 263 -9.19 -5.07 8.39
N SER A 264 -8.19 -4.40 8.92
CA SER A 264 -7.44 -4.84 10.10
C SER A 264 -7.25 -3.68 11.06
N ALA A 265 -7.06 -4.06 12.33
CA ALA A 265 -6.88 -3.05 13.40
C ALA A 265 -5.55 -3.29 14.06
N GLY A 266 -4.65 -2.35 13.94
CA GLY A 266 -3.34 -2.38 14.57
C GLY A 266 -3.29 -1.51 15.82
N ILE A 267 -2.40 -1.89 16.73
CA ILE A 267 -2.21 -1.12 17.98
C ILE A 267 -0.92 -0.36 17.87
N ASN A 268 -0.96 0.95 18.15
CA ASN A 268 0.20 1.85 18.04
C ASN A 268 1.25 1.36 19.02
N ALA A 269 2.47 1.16 18.52
CA ALA A 269 3.58 0.81 19.40
C ALA A 269 3.81 1.87 20.53
N ALA A 270 3.47 3.14 20.27
CA ALA A 270 3.63 4.21 21.24
C ALA A 270 2.44 4.36 22.20
N SER A 271 1.42 3.53 22.05
CA SER A 271 0.30 3.63 22.98
C SER A 271 0.62 3.14 24.40
N PRO A 272 0.25 3.90 25.40
CA PRO A 272 0.31 3.42 26.75
C PRO A 272 -0.97 2.69 27.14
N ASN A 273 -1.87 2.47 26.19
CA ASN A 273 -3.11 1.75 26.46
C ASN A 273 -3.24 0.42 25.70
N LYS A 274 -2.13 -0.30 25.50
CA LYS A 274 -2.19 -1.55 24.68
C LYS A 274 -3.10 -2.61 25.25
N GLU A 275 -3.12 -2.75 26.57
CA GLU A 275 -3.99 -3.68 27.20
C GLU A 275 -5.44 -3.31 27.04
N LEU A 276 -5.80 -2.02 27.12
CA LEU A 276 -7.19 -1.65 26.85
C LEU A 276 -7.55 -1.87 25.35
N ALA A 277 -6.62 -1.66 24.47
CA ALA A 277 -6.84 -1.82 23.04
C ALA A 277 -7.11 -3.26 22.70
N LYS A 278 -6.36 -4.16 23.32
CA LYS A 278 -6.50 -5.59 23.12
C LYS A 278 -7.83 -5.99 23.65
N GLU A 279 -8.21 -5.55 24.85
CA GLU A 279 -9.49 -5.87 25.44
C GLU A 279 -10.66 -5.34 24.58
N PHE A 280 -10.52 -4.14 24.05
CA PHE A 280 -11.58 -3.60 23.21
C PHE A 280 -11.74 -4.45 21.90
N LEU A 281 -10.60 -4.69 21.26
CA LEU A 281 -10.64 -5.38 19.93
C LEU A 281 -11.09 -6.84 20.06
N GLU A 282 -10.60 -7.54 21.07
CA GLU A 282 -10.89 -8.96 21.23
C GLU A 282 -12.21 -9.24 21.87
N ASN A 283 -12.59 -8.48 22.89
CA ASN A 283 -13.79 -8.80 23.63
C ASN A 283 -14.99 -7.95 23.39
N TYR A 284 -14.87 -6.85 22.64
CA TYR A 284 -16.02 -6.00 22.28
C TYR A 284 -16.23 -5.94 20.80
N LEU A 285 -15.19 -5.62 20.04
CA LEU A 285 -15.39 -5.49 18.57
C LEU A 285 -15.53 -6.86 17.87
N LEU A 286 -14.61 -7.79 18.12
CA LEU A 286 -14.58 -9.11 17.38
C LEU A 286 -15.50 -10.13 18.08
N THR A 287 -16.76 -9.76 18.15
CA THR A 287 -17.84 -10.48 18.73
C THR A 287 -19.00 -10.33 17.77
N ASP A 288 -19.99 -11.18 17.89
CA ASP A 288 -21.13 -11.04 17.05
C ASP A 288 -21.81 -9.68 17.13
N GLU A 289 -22.01 -9.23 18.36
CA GLU A 289 -22.68 -7.99 18.56
C GLU A 289 -21.87 -6.77 18.14
N GLY A 290 -20.56 -6.86 18.31
CA GLY A 290 -19.66 -5.77 17.92
C GLY A 290 -19.64 -5.63 16.43
N LEU A 291 -19.45 -6.76 15.74
CA LEU A 291 -19.37 -6.65 14.28
C LEU A 291 -20.72 -6.29 13.71
N GLU A 292 -21.82 -6.78 14.31
CA GLU A 292 -23.14 -6.40 13.84
C GLU A 292 -23.37 -4.87 13.92
N ALA A 293 -22.93 -4.25 15.02
CA ALA A 293 -23.12 -2.82 15.19
C ALA A 293 -22.41 -2.09 14.02
N VAL A 294 -21.18 -2.53 13.72
CA VAL A 294 -20.43 -1.92 12.59
C VAL A 294 -21.06 -2.14 11.22
N ASN A 295 -21.41 -3.40 10.99
CA ASN A 295 -21.93 -3.88 9.73
C ASN A 295 -23.29 -3.22 9.40
N LYS A 296 -24.07 -2.96 10.46
CA LYS A 296 -25.36 -2.27 10.33
C LYS A 296 -25.21 -0.84 9.90
N ASP A 297 -24.09 -0.21 10.24
CA ASP A 297 -23.84 1.12 9.81
C ASP A 297 -23.36 1.07 8.34
N LYS A 298 -22.22 0.42 8.08
CA LYS A 298 -21.74 0.26 6.66
C LYS A 298 -21.26 -1.19 6.57
N PRO A 299 -21.72 -1.96 5.58
CA PRO A 299 -21.34 -3.35 5.55
C PRO A 299 -19.87 -3.58 5.48
N LEU A 300 -19.44 -4.55 6.26
CA LEU A 300 -17.98 -4.84 6.33
C LEU A 300 -17.43 -5.74 5.20
N GLY A 301 -18.31 -6.53 4.63
CA GLY A 301 -17.90 -7.57 3.73
C GLY A 301 -18.00 -8.91 4.47
N ALA A 302 -17.13 -9.82 4.12
CA ALA A 302 -17.07 -11.14 4.73
C ALA A 302 -16.27 -11.05 5.99
N VAL A 303 -16.92 -11.14 7.12
CA VAL A 303 -16.14 -10.86 8.37
C VAL A 303 -15.19 -12.02 8.72
N ALA A 304 -14.15 -11.68 9.47
CA ALA A 304 -13.19 -12.63 9.90
C ALA A 304 -13.70 -13.59 10.98
N LEU A 305 -14.71 -13.17 11.74
CA LEU A 305 -15.24 -13.90 12.85
C LEU A 305 -16.18 -15.01 12.28
N LYS A 306 -15.72 -16.25 12.43
CA LYS A 306 -16.50 -17.41 11.91
C LYS A 306 -17.96 -17.42 12.31
N SER A 307 -18.25 -17.23 13.59
CA SER A 307 -19.63 -17.32 14.05
C SER A 307 -20.53 -16.39 13.29
N TYR A 308 -20.08 -15.15 13.08
CA TYR A 308 -20.91 -14.13 12.45
C TYR A 308 -20.86 -14.25 10.89
N GLU A 309 -19.74 -14.65 10.34
CA GLU A 309 -19.66 -14.86 8.92
C GLU A 309 -20.65 -15.93 8.44
N GLU A 310 -20.90 -16.93 9.27
CA GLU A 310 -21.84 -17.99 8.80
C GLU A 310 -23.24 -17.40 8.57
N GLU A 311 -23.64 -16.42 9.35
CA GLU A 311 -24.93 -15.70 9.13
C GLU A 311 -24.83 -14.76 7.88
N LEU A 312 -23.79 -13.93 7.80
CA LEU A 312 -23.62 -13.05 6.59
C LEU A 312 -23.44 -13.79 5.22
N ALA A 313 -22.85 -14.97 5.25
CA ALA A 313 -22.53 -15.70 4.03
C ALA A 313 -23.79 -16.10 3.22
N LYS A 314 -24.96 -16.07 3.82
CA LYS A 314 -26.21 -16.36 3.08
C LYS A 314 -26.69 -15.20 2.19
N ASP A 315 -26.10 -14.02 2.36
CA ASP A 315 -26.51 -12.82 1.61
C ASP A 315 -25.85 -12.93 0.25
N PRO A 316 -26.63 -12.87 -0.83
CA PRO A 316 -26.10 -12.94 -2.18
C PRO A 316 -25.04 -11.91 -2.52
N ARG A 317 -25.13 -10.75 -1.86
CA ARG A 317 -24.09 -9.70 -2.09
C ARG A 317 -22.74 -10.11 -1.54
N ILE A 318 -22.75 -10.87 -0.44
CA ILE A 318 -21.50 -11.38 0.14
C ILE A 318 -20.99 -12.51 -0.72
N ALA A 319 -21.90 -13.34 -1.22
CA ALA A 319 -21.49 -14.37 -2.13
C ALA A 319 -20.78 -13.83 -3.32
N ALA A 320 -21.31 -12.77 -3.90
CA ALA A 320 -20.69 -12.09 -5.04
C ALA A 320 -19.33 -11.49 -4.68
N THR A 321 -19.24 -10.89 -3.50
CA THR A 321 -18.00 -10.35 -3.01
C THR A 321 -16.95 -11.45 -2.96
N MET A 322 -17.33 -12.59 -2.36
CA MET A 322 -16.40 -13.71 -2.22
C MET A 322 -16.07 -14.31 -3.59
N GLU A 323 -17.01 -14.29 -4.52
CA GLU A 323 -16.70 -14.74 -5.84
C GLU A 323 -15.64 -13.88 -6.51
N ASN A 324 -15.82 -12.56 -6.46
CA ASN A 324 -14.80 -11.65 -6.92
C ASN A 324 -13.49 -11.82 -6.19
N ALA A 325 -13.55 -12.00 -4.87
CA ALA A 325 -12.34 -12.19 -4.10
C ALA A 325 -11.53 -13.43 -4.57
N GLN A 326 -12.22 -14.49 -4.88
CA GLN A 326 -11.52 -15.73 -5.26
C GLN A 326 -10.87 -15.59 -6.62
N LYS A 327 -11.43 -14.75 -7.48
CA LYS A 327 -10.83 -14.46 -8.76
C LYS A 327 -9.69 -13.49 -8.68
N GLY A 328 -9.59 -12.76 -7.57
CA GLY A 328 -8.59 -11.81 -7.33
C GLY A 328 -7.43 -12.40 -6.53
N GLU A 329 -6.65 -11.52 -5.90
CA GLU A 329 -5.50 -12.00 -5.09
C GLU A 329 -5.47 -11.16 -3.84
N ILE A 330 -5.12 -11.78 -2.72
CA ILE A 330 -4.89 -11.03 -1.51
C ILE A 330 -3.76 -10.05 -1.68
N MET A 331 -3.87 -8.82 -1.19
CA MET A 331 -2.78 -7.89 -1.35
C MET A 331 -1.57 -8.36 -0.57
N PRO A 332 -0.40 -8.11 -1.08
CA PRO A 332 0.78 -8.23 -0.25
C PRO A 332 0.78 -7.19 0.89
N ASN A 333 1.47 -7.49 1.97
CA ASN A 333 1.65 -6.50 3.01
C ASN A 333 3.03 -5.96 3.12
N ILE A 334 3.93 -6.19 2.19
CA ILE A 334 5.28 -5.76 2.28
C ILE A 334 5.41 -4.27 2.30
N PRO A 335 6.52 -3.74 2.83
CA PRO A 335 6.72 -2.36 3.01
C PRO A 335 6.69 -1.50 1.78
N GLN A 336 6.95 -2.03 0.60
CA GLN A 336 6.95 -1.16 -0.59
CA GLN A 336 6.93 -1.17 -0.59
C GLN A 336 5.53 -1.05 -1.25
N MET A 337 4.54 -1.61 -0.55
CA MET A 337 3.14 -1.48 -1.07
C MET A 337 2.75 -0.03 -1.17
N SER A 338 3.10 0.80 -0.20
CA SER A 338 2.85 2.20 -0.23
C SER A 338 3.40 2.85 -1.48
N ALA A 339 4.69 2.59 -1.80
CA ALA A 339 5.22 3.10 -3.02
C ALA A 339 4.59 2.58 -4.27
N PHE A 340 4.20 1.33 -4.29
CA PHE A 340 3.53 0.71 -5.44
C PHE A 340 2.19 1.50 -5.67
N TRP A 341 1.44 1.68 -4.60
CA TRP A 341 0.16 2.38 -4.85
C TRP A 341 0.35 3.83 -5.29
N TYR A 342 1.31 4.54 -4.71
CA TYR A 342 1.61 5.90 -5.13
C TYR A 342 1.99 6.00 -6.59
N ALA A 343 2.83 5.07 -7.06
CA ALA A 343 3.27 5.06 -8.46
C ALA A 343 2.08 4.77 -9.37
N VAL A 344 1.28 3.78 -9.01
CA VAL A 344 0.17 3.36 -9.87
C VAL A 344 -0.96 4.40 -9.91
N ARG A 345 -1.21 5.06 -8.77
CA ARG A 345 -2.21 6.11 -8.71
C ARG A 345 -1.87 7.21 -9.70
N THR A 346 -0.60 7.64 -9.70
CA THR A 346 -0.19 8.64 -10.66
C THR A 346 -0.28 8.17 -12.07
N ALA A 347 0.09 6.93 -12.35
CA ALA A 347 0.09 6.43 -13.71
C ALA A 347 -1.33 6.41 -14.27
N VAL A 348 -2.24 5.93 -13.44
CA VAL A 348 -3.67 5.94 -13.92
C VAL A 348 -4.21 7.34 -14.17
N ILE A 349 -4.00 8.26 -13.22
CA ILE A 349 -4.42 9.61 -13.35
C ILE A 349 -3.82 10.28 -14.61
N ASN A 350 -2.51 10.15 -14.79
CA ASN A 350 -1.89 10.73 -15.96
C ASN A 350 -2.26 10.08 -17.27
N ALA A 351 -2.48 8.79 -17.31
CA ALA A 351 -2.93 8.13 -18.55
C ALA A 351 -4.34 8.55 -18.88
N ALA A 352 -5.15 8.65 -17.87
CA ALA A 352 -6.59 9.07 -18.08
C ALA A 352 -6.72 10.50 -18.56
N SER A 353 -5.89 11.40 -18.03
CA SER A 353 -5.92 12.83 -18.34
C SER A 353 -5.20 13.12 -19.65
N GLY A 354 -4.37 12.22 -20.12
CA GLY A 354 -3.58 12.42 -21.32
C GLY A 354 -2.27 13.14 -21.06
N ARG A 355 -1.96 13.47 -19.82
CA ARG A 355 -0.65 14.01 -19.49
C ARG A 355 0.49 13.05 -19.88
N GLN A 356 0.27 11.75 -19.82
CA GLN A 356 1.21 10.73 -20.30
C GLN A 356 0.46 9.71 -21.14
N THR A 357 1.15 9.09 -22.08
CA THR A 357 0.70 7.86 -22.74
C THR A 357 0.66 6.69 -21.77
N VAL A 358 -0.08 5.66 -22.11
CA VAL A 358 -0.09 4.49 -21.26
C VAL A 358 1.34 3.93 -21.04
N ASP A 359 2.10 3.82 -22.12
CA ASP A 359 3.49 3.29 -22.03
C ASP A 359 4.36 4.08 -21.10
N GLU A 360 4.28 5.39 -21.26
CA GLU A 360 5.02 6.33 -20.45
C GLU A 360 4.63 6.20 -19.00
N ALA A 361 3.32 6.18 -18.76
CA ALA A 361 2.79 6.16 -17.41
C ALA A 361 3.15 4.89 -16.67
N LEU A 362 2.99 3.77 -17.31
CA LEU A 362 3.30 2.50 -16.66
C LEU A 362 4.83 2.33 -16.46
N LYS A 363 5.62 2.87 -17.38
CA LYS A 363 7.09 2.82 -17.23
C LYS A 363 7.49 3.50 -15.95
N ASP A 364 6.97 4.66 -15.74
CA ASP A 364 7.26 5.47 -14.55
C ASP A 364 6.73 4.81 -13.30
N ALA A 365 5.56 4.18 -13.38
CA ALA A 365 5.08 3.41 -12.28
C ALA A 365 5.95 2.19 -11.93
N GLN A 366 6.50 1.51 -12.92
CA GLN A 366 7.38 0.38 -12.74
C GLN A 366 8.65 0.90 -12.06
N THR A 367 9.15 2.05 -12.47
CA THR A 367 10.37 2.63 -11.88
C THR A 367 10.14 2.98 -10.46
N GLY A 368 8.99 3.62 -10.18
CA GLY A 368 8.70 3.92 -8.82
C GLY A 368 8.48 2.75 -7.88
N SER A 369 7.79 1.71 -8.36
CA SER A 369 7.50 0.53 -7.59
C SER A 369 8.82 -0.24 -7.30
N GLU A 370 9.78 -0.16 -8.19
CA GLU A 370 11.05 -0.97 -8.06
C GLU A 370 12.13 -0.16 -7.39
N LEU A 371 11.91 1.12 -7.14
CA LEU A 371 13.02 2.05 -6.75
C LEU A 371 13.71 1.62 -5.44
N TYR A 372 12.95 1.31 -4.40
CA TYR A 372 13.58 0.95 -3.12
C TYR A 372 14.44 -0.26 -3.25
N ARG A 373 13.93 -1.31 -3.83
CA ARG A 373 14.66 -2.55 -3.97
C ARG A 373 15.87 -2.45 -4.86
N GLN A 374 15.72 -1.71 -5.95
CA GLN A 374 16.81 -1.52 -6.86
C GLN A 374 17.90 -0.73 -6.18
N SER A 375 17.52 0.29 -5.44
CA SER A 375 18.48 1.18 -4.74
C SER A 375 19.17 0.40 -3.67
N LEU A 376 18.42 -0.40 -2.94
CA LEU A 376 19.10 -1.21 -1.85
C LEU A 376 20.02 -2.21 -2.43
N GLU A 377 19.71 -2.82 -3.56
CA GLU A 377 20.57 -3.77 -4.19
C GLU A 377 21.92 -3.16 -4.54
N ILE A 378 21.92 -1.97 -5.13
CA ILE A 378 23.10 -1.32 -5.57
C ILE A 378 23.92 -0.93 -4.35
N ILE A 379 23.24 -0.27 -3.45
CA ILE A 379 23.90 0.30 -2.23
C ILE A 379 24.43 -0.78 -1.33
N SER A 380 23.67 -1.77 -1.07
CA SER A 380 24.14 -2.92 -0.24
C SER A 380 25.29 -3.65 -0.86
N ARG A 381 25.21 -3.93 -2.17
CA ARG A 381 26.37 -4.50 -2.81
C ARG A 381 27.58 -3.62 -2.78
N TYR A 382 27.51 -2.29 -2.98
CA TYR A 382 28.67 -1.47 -3.00
C TYR A 382 29.29 -1.38 -1.58
N LEU A 383 28.39 -1.22 -0.61
CA LEU A 383 28.92 -1.13 0.78
C LEU A 383 29.64 -2.41 1.17
N ARG A 384 29.08 -3.57 0.88
CA ARG A 384 29.61 -4.92 1.27
C ARG A 384 30.89 -5.24 0.54
N GLU A 385 30.95 -4.88 -0.76
CA GLU A 385 32.22 -5.16 -1.46
C GLU A 385 33.35 -4.20 -1.05
N GLN A 386 33.01 -2.97 -0.73
CA GLN A 386 33.94 -1.96 -0.25
C GLN A 386 34.52 -2.43 1.09
N ALA A 387 33.65 -2.93 1.90
CA ALA A 387 34.05 -3.32 3.29
C ALA A 387 34.92 -4.56 3.27
N THR A 388 34.60 -5.54 2.45
CA THR A 388 35.28 -6.81 2.44
C THR A 388 36.38 -6.97 1.41
N GLY A 389 36.35 -6.14 0.36
CA GLY A 389 37.25 -6.28 -0.78
C GLY A 389 36.89 -7.25 -1.83
N ALA A 390 35.77 -7.98 -1.71
CA ALA A 390 35.37 -8.92 -2.73
C ALA A 390 33.89 -8.64 -3.10
N ALA A 391 33.61 -8.73 -4.40
CA ALA A 391 32.22 -8.59 -4.90
C ALA A 391 31.34 -9.79 -4.57
N ASP A 392 30.03 -9.55 -4.53
CA ASP A 392 29.03 -10.58 -4.28
C ASP A 392 28.91 -11.36 -5.56
N THR A 393 28.93 -12.69 -5.47
CA THR A 393 28.87 -13.51 -6.67
C THR A 393 27.47 -13.83 -7.20
N ALA A 394 26.46 -13.52 -6.44
CA ALA A 394 25.09 -13.87 -6.89
C ALA A 394 24.70 -13.04 -8.10
N PRO A 395 23.90 -13.63 -8.99
CA PRO A 395 23.38 -12.74 -10.04
C PRO A 395 22.37 -11.72 -9.50
N MET A 396 22.20 -10.71 -10.31
CA MET A 396 21.07 -9.84 -10.19
C MET A 396 19.99 -10.62 -10.96
N GLY A 397 18.74 -10.26 -10.77
CA GLY A 397 17.67 -10.95 -11.49
C GLY A 397 17.64 -10.75 -13.01
N ALA A 398 16.56 -11.27 -13.57
CA ALA A 398 16.23 -11.02 -14.98
C ALA A 398 15.97 -9.54 -15.32
N SER A 399 15.61 -8.70 -14.33
CA SER A 399 15.46 -7.26 -14.53
C SER A 399 16.71 -6.48 -14.13
N GLY A 400 17.82 -7.17 -13.92
CA GLY A 400 19.01 -6.58 -13.27
C GLY A 400 20.21 -6.06 -14.08
N ALA A 401 20.08 -5.77 -15.40
CA ALA A 401 21.19 -5.10 -16.09
C ALA A 401 21.38 -3.67 -15.56
N THR A 402 20.30 -3.01 -15.23
CA THR A 402 20.35 -1.69 -14.59
C THR A 402 21.12 -1.68 -13.26
N SER A 403 20.85 -2.65 -12.39
CA SER A 403 21.60 -2.80 -11.15
C SER A 403 23.02 -2.92 -11.44
N ARG A 404 23.38 -3.74 -12.41
CA ARG A 404 24.72 -3.99 -12.74
C ARG A 404 25.49 -2.83 -13.29
N LYS A 405 24.91 -2.15 -14.27
CA LYS A 405 25.55 -0.99 -14.83
C LYS A 405 25.63 0.18 -13.77
N ALA A 406 24.58 0.32 -12.93
CA ALA A 406 24.66 1.34 -11.89
C ALA A 406 25.81 1.05 -10.89
N LEU A 407 25.92 -0.23 -10.47
CA LEU A 407 27.04 -0.60 -9.61
C LEU A 407 28.37 -0.32 -10.25
N GLU A 408 28.51 -0.63 -11.56
CA GLU A 408 29.73 -0.29 -12.25
C GLU A 408 30.04 1.19 -12.32
N THR A 409 29.04 2.04 -12.56
CA THR A 409 29.20 3.46 -12.52
C THR A 409 29.57 3.98 -11.14
N LEU A 410 28.84 3.44 -10.16
CA LEU A 410 29.17 3.79 -8.79
C LEU A 410 30.58 3.41 -8.41
N ARG A 411 31.11 2.24 -8.73
CA ARG A 411 32.48 1.94 -8.47
C ARG A 411 33.43 2.95 -9.09
N ARG A 412 33.11 3.34 -10.31
CA ARG A 412 34.02 4.21 -11.05
C ARG A 412 34.04 5.57 -10.41
N VAL A 413 32.87 6.20 -10.23
CA VAL A 413 32.74 7.48 -9.66
C VAL A 413 33.04 7.53 -8.19
N GLY A 414 32.59 6.54 -7.44
CA GLY A 414 32.70 6.51 -6.02
C GLY A 414 34.18 6.28 -5.58
N ASP A 415 35.00 5.65 -6.39
CA ASP A 415 36.45 5.41 -6.05
C ASP A 415 37.10 6.78 -5.80
N GLY A 416 36.93 7.64 -6.77
CA GLY A 416 37.43 9.01 -6.68
C GLY A 416 36.82 9.80 -5.54
N VAL A 417 35.50 9.69 -5.30
CA VAL A 417 34.93 10.47 -4.22
C VAL A 417 35.51 10.05 -2.86
N GLN A 418 35.63 8.77 -2.61
CA GLN A 418 36.20 8.35 -1.33
C GLN A 418 37.67 8.75 -1.20
N ARG A 419 38.41 8.62 -2.28
CA ARG A 419 39.80 9.01 -2.28
C ARG A 419 39.97 10.50 -1.92
N ASN A 420 39.25 11.35 -2.63
CA ASN A 420 39.38 12.77 -2.39
C ASN A 420 38.80 13.18 -1.03
N HIS A 421 37.80 12.43 -0.47
CA HIS A 421 37.25 12.85 0.83
C HIS A 421 37.73 12.07 1.96
N GLU A 422 38.82 11.31 1.81
CA GLU A 422 39.22 10.36 2.86
C GLU A 422 39.48 11.07 4.18
N THR A 423 40.20 12.20 4.10
CA THR A 423 40.49 12.96 5.31
C THR A 423 39.29 13.54 6.00
N ALA A 424 38.37 14.03 5.21
CA ALA A 424 37.17 14.61 5.74
C ALA A 424 36.30 13.50 6.33
N PHE A 425 36.28 12.35 5.66
CA PHE A 425 35.41 11.26 6.17
C PHE A 425 35.98 10.70 7.47
N GLN A 426 37.30 10.62 7.54
CA GLN A 426 37.98 10.10 8.74
C GLN A 426 37.62 10.98 9.94
N GLY A 427 37.62 12.28 9.67
CA GLY A 427 37.23 13.31 10.67
C GLY A 427 35.78 13.21 11.13
N MET A 428 34.89 13.07 10.18
CA MET A 428 33.47 12.96 10.48
C MET A 428 33.22 11.68 11.22
N LEU A 429 33.84 10.59 10.78
CA LEU A 429 33.68 9.30 11.44
C LEU A 429 34.15 9.38 12.89
N ARG A 430 35.28 9.99 13.14
CA ARG A 430 35.75 10.13 14.50
C ARG A 430 34.80 10.89 15.42
N LYS A 431 34.17 11.96 14.90
CA LYS A 431 33.24 12.72 15.73
C LYS A 431 32.14 11.78 16.17
N LEU A 432 31.57 11.06 15.22
CA LEU A 432 30.50 10.12 15.53
C LEU A 432 31.02 8.93 16.38
N ASP A 433 30.17 8.30 17.17
CA ASP A 433 30.61 7.10 17.86
C ASP A 433 29.77 6.10 17.12
N ILE A 434 30.36 5.46 16.12
CA ILE A 434 29.64 4.41 15.37
C ILE A 434 30.26 3.10 15.72
N LYS A 435 29.68 2.39 16.67
CA LYS A 435 30.32 1.19 17.18
C LYS A 435 29.41 -0.02 17.13
N ASN A 436 28.11 0.15 16.94
CA ASN A 436 27.22 -0.99 16.90
C ASN A 436 25.93 -0.62 16.19
N GLU A 437 25.01 -1.58 16.13
CA GLU A 437 23.73 -1.38 15.49
C GLU A 437 22.89 -0.24 16.12
N ASP A 438 23.05 0.03 17.43
CA ASP A 438 22.32 1.15 18.08
C ASP A 438 22.64 2.49 17.41
N ASP A 439 23.94 2.71 17.26
CA ASP A 439 24.48 3.93 16.64
C ASP A 439 24.04 4.20 15.22
N VAL A 440 23.81 3.15 14.44
CA VAL A 440 23.42 3.33 13.05
C VAL A 440 22.07 3.99 12.93
N LYS A 441 21.16 3.65 13.85
CA LYS A 441 19.85 4.32 13.94
C LYS A 441 20.04 5.85 13.99
N SER A 442 20.93 6.29 14.87
CA SER A 442 21.23 7.72 15.03
C SER A 442 21.73 8.39 13.73
N LEU A 443 22.65 7.70 13.06
CA LEU A 443 23.27 8.14 11.80
C LEU A 443 22.27 8.61 10.77
N SER A 444 21.14 7.94 10.74
CA SER A 444 20.08 8.28 9.84
C SER A 444 19.65 9.68 10.10
N ARG A 445 19.59 10.10 11.36
CA ARG A 445 19.20 11.48 11.60
C ARG A 445 20.27 12.38 10.99
N VAL A 446 21.53 12.07 11.28
CA VAL A 446 22.63 12.89 10.80
C VAL A 446 22.62 12.94 9.28
N MET A 447 22.62 11.76 8.67
CA MET A 447 22.75 11.65 7.24
C MET A 447 21.57 12.31 6.55
N ILE A 448 20.33 12.17 7.04
CA ILE A 448 19.19 12.84 6.38
C ILE A 448 19.44 14.31 6.34
N HIS A 449 19.71 14.83 7.53
CA HIS A 449 19.90 16.23 7.74
C HIS A 449 20.99 16.76 6.83
N VAL A 450 22.17 16.15 6.87
CA VAL A 450 23.28 16.63 6.06
C VAL A 450 22.96 16.52 4.58
N PHE A 451 22.35 15.41 4.19
CA PHE A 451 22.05 15.19 2.78
C PHE A 451 21.03 16.18 2.24
N SER A 452 19.93 16.35 2.97
CA SER A 452 18.84 17.27 2.60
C SER A 452 19.26 18.76 2.53
N ASP A 453 20.12 19.20 3.46
CA ASP A 453 20.63 20.60 3.50
C ASP A 453 21.13 21.13 2.15
N GLY A 454 21.95 20.33 1.45
CA GLY A 454 22.52 20.74 0.17
C GLY A 454 21.57 20.55 -1.00
N VAL A 455 22.11 20.70 -2.21
CA VAL A 455 21.36 20.65 -3.47
C VAL A 455 21.07 19.17 -3.77
N THR A 456 20.08 18.89 -4.61
CA THR A 456 19.80 17.53 -5.08
C THR A 456 20.47 17.27 -6.41
N ASN A 457 21.44 16.37 -6.44
CA ASN A 457 22.04 15.97 -7.70
C ASN A 457 22.73 14.61 -7.53
N TRP A 458 23.09 13.98 -8.62
CA TRP A 458 23.78 12.70 -8.55
C TRP A 458 25.10 12.75 -7.82
N GLY A 459 25.88 13.83 -7.97
CA GLY A 459 27.17 13.92 -7.26
C GLY A 459 27.01 13.78 -5.75
N ARG A 460 26.02 14.43 -5.18
CA ARG A 460 25.85 14.41 -3.77
C ARG A 460 25.30 13.05 -3.26
N ILE A 461 24.52 12.40 -4.13
CA ILE A 461 24.08 11.02 -3.85
C ILE A 461 25.29 10.09 -3.82
N VAL A 462 26.27 10.26 -4.70
CA VAL A 462 27.46 9.49 -4.71
C VAL A 462 28.22 9.79 -3.42
N THR A 463 28.23 11.05 -3.03
CA THR A 463 28.96 11.35 -1.77
C THR A 463 28.32 10.67 -0.53
N LEU A 464 27.00 10.68 -0.40
CA LEU A 464 26.27 10.01 0.66
C LEU A 464 26.62 8.52 0.70
N ILE A 465 26.52 7.89 -0.47
CA ILE A 465 26.82 6.46 -0.57
C ILE A 465 28.28 6.17 -0.25
N SER A 466 29.20 7.00 -0.74
CA SER A 466 30.60 6.91 -0.52
C SER A 466 30.91 7.02 1.00
N PHE A 467 30.32 7.94 1.65
CA PHE A 467 30.47 7.96 3.15
C PHE A 467 29.94 6.69 3.78
N GLY A 468 28.82 6.16 3.27
CA GLY A 468 28.35 4.90 3.70
C GLY A 468 29.33 3.76 3.54
N ALA A 469 30.06 3.75 2.39
CA ALA A 469 31.04 2.78 2.17
C ALA A 469 32.26 2.91 3.11
N PHE A 470 32.54 4.15 3.42
CA PHE A 470 33.66 4.45 4.35
C PHE A 470 33.29 3.94 5.73
N VAL A 471 32.08 4.14 6.13
CA VAL A 471 31.57 3.56 7.41
C VAL A 471 31.52 2.09 7.41
N ALA A 472 31.12 1.44 6.30
CA ALA A 472 31.13 0.06 6.21
C ALA A 472 32.49 -0.58 6.33
N LYS A 473 33.51 0.03 5.74
CA LYS A 473 34.88 -0.42 5.90
C LYS A 473 35.24 -0.39 7.42
N HIS A 474 34.90 0.67 8.03
CA HIS A 474 35.21 0.75 9.48
C HIS A 474 34.47 -0.32 10.24
N LEU A 475 33.21 -0.52 9.95
CA LEU A 475 32.43 -1.61 10.60
C LEU A 475 33.02 -2.95 10.45
N LYS A 476 33.56 -3.29 9.29
CA LYS A 476 34.15 -4.52 9.09
C LYS A 476 35.40 -4.66 9.93
N THR A 477 36.18 -3.60 9.99
CA THR A 477 37.50 -3.63 10.68
CA THR A 477 37.51 -3.68 10.69
C THR A 477 37.35 -3.96 12.18
N ILE A 478 36.26 -3.48 12.74
CA ILE A 478 35.91 -3.73 14.20
C ILE A 478 34.95 -4.86 14.49
N ASN A 479 34.83 -5.77 13.55
CA ASN A 479 34.02 -6.97 13.67
C ASN A 479 32.56 -6.67 13.90
N GLN A 480 32.03 -5.67 13.19
CA GLN A 480 30.63 -5.37 13.23
C GLN A 480 30.07 -5.46 11.77
N GLU A 481 30.50 -6.50 11.06
CA GLU A 481 30.02 -6.69 9.67
C GLU A 481 28.54 -6.84 9.60
N SER A 482 27.91 -7.43 10.63
CA SER A 482 26.47 -7.47 10.68
C SER A 482 25.75 -6.12 10.70
N CYS A 483 26.42 -5.02 10.97
CA CYS A 483 25.78 -3.74 10.92
C CYS A 483 25.73 -3.17 9.48
N ILE A 484 26.40 -3.84 8.53
CA ILE A 484 26.51 -3.21 7.16
C ILE A 484 25.16 -3.20 6.48
N GLU A 485 24.43 -4.26 6.59
CA GLU A 485 23.08 -4.30 5.94
C GLU A 485 22.13 -3.27 6.49
N PRO A 486 22.01 -3.14 7.83
CA PRO A 486 21.26 -2.04 8.38
C PRO A 486 21.68 -0.68 7.96
N LEU A 487 23.00 -0.41 7.87
CA LEU A 487 23.48 0.85 7.33
C LEU A 487 22.97 1.05 5.90
N ALA A 488 23.08 0.03 5.08
CA ALA A 488 22.68 0.15 3.65
C ALA A 488 21.17 0.43 3.59
N GLU A 489 20.39 -0.23 4.44
CA GLU A 489 18.95 0.02 4.47
C GLU A 489 18.66 1.40 4.90
N SER A 490 19.35 1.88 5.90
CA SER A 490 19.11 3.24 6.35
C SER A 490 19.46 4.32 5.32
N ILE A 491 20.56 4.13 4.58
CA ILE A 491 20.93 5.07 3.54
C ILE A 491 19.90 5.04 2.43
N THR A 492 19.46 3.83 2.10
CA THR A 492 18.50 3.64 1.03
C THR A 492 17.20 4.38 1.42
N ASP A 493 16.81 4.25 2.66
CA ASP A 493 15.55 4.90 3.12
C ASP A 493 15.62 6.41 3.00
N VAL A 494 16.72 6.98 3.45
CA VAL A 494 16.98 8.40 3.34
C VAL A 494 16.84 8.86 1.94
N LEU A 495 17.53 8.15 1.05
CA LEU A 495 17.62 8.53 -0.30
C LEU A 495 16.21 8.45 -0.90
N VAL A 496 15.51 7.33 -0.74
CA VAL A 496 14.28 7.22 -1.55
C VAL A 496 13.16 8.01 -0.86
N ARG A 497 13.12 8.05 0.47
CA ARG A 497 12.05 8.85 1.09
C ARG A 497 12.14 10.34 0.76
N THR A 498 13.33 10.91 0.72
CA THR A 498 13.44 12.32 0.42
C THR A 498 13.58 12.66 -1.07
N LYS A 499 13.98 11.72 -1.92
CA LYS A 499 14.21 12.04 -3.33
C LYS A 499 13.39 11.27 -4.33
N ARG A 500 12.38 10.57 -3.88
CA ARG A 500 11.62 9.70 -4.77
C ARG A 500 11.18 10.37 -6.05
N ASP A 501 10.50 11.52 -5.93
CA ASP A 501 10.01 12.18 -7.14
C ASP A 501 11.14 12.60 -8.06
N TRP A 502 12.21 13.12 -7.49
CA TRP A 502 13.39 13.50 -8.30
C TRP A 502 13.99 12.25 -8.97
N LEU A 503 14.10 11.16 -8.22
CA LEU A 503 14.60 9.97 -8.81
C LEU A 503 13.83 9.40 -9.93
N VAL A 504 12.46 9.37 -9.78
CA VAL A 504 11.66 8.88 -10.88
C VAL A 504 11.78 9.76 -12.13
N LYS A 505 11.83 11.04 -11.90
CA LYS A 505 12.04 12.05 -13.00
C LYS A 505 13.33 11.79 -13.75
N GLN A 506 14.33 11.26 -13.03
CA GLN A 506 15.60 10.94 -13.69
C GLN A 506 15.64 9.64 -14.36
N ARG A 507 14.53 8.88 -14.34
CA ARG A 507 14.51 7.53 -14.83
C ARG A 507 15.33 6.58 -13.91
N GLY A 508 15.32 6.93 -12.67
CA GLY A 508 15.89 6.05 -11.63
C GLY A 508 17.37 5.92 -11.89
N TRP A 509 17.89 4.71 -11.62
CA TRP A 509 19.29 4.43 -11.78
C TRP A 509 19.79 4.45 -13.22
N ASP A 510 18.88 4.26 -14.18
CA ASP A 510 19.31 4.43 -15.57
C ASP A 510 19.75 5.85 -15.83
N GLY A 511 19.14 6.84 -15.16
CA GLY A 511 19.51 8.22 -15.20
C GLY A 511 20.87 8.48 -14.66
N PHE A 512 21.17 7.79 -13.54
CA PHE A 512 22.51 7.87 -12.95
C PHE A 512 23.57 7.38 -13.92
N VAL A 513 23.35 6.26 -14.58
CA VAL A 513 24.34 5.64 -15.46
C VAL A 513 24.56 6.64 -16.65
N GLU A 514 23.43 7.17 -17.09
CA GLU A 514 23.47 8.23 -18.16
C GLU A 514 24.25 9.52 -17.77
N PHE A 515 23.96 10.08 -16.60
CA PHE A 515 24.61 11.28 -16.16
C PHE A 515 26.14 11.15 -16.12
N PHE A 516 26.59 9.97 -15.70
CA PHE A 516 28.03 9.72 -15.59
C PHE A 516 28.62 8.96 -16.74
N HIS A 517 27.87 8.74 -17.79
CA HIS A 517 28.45 8.11 -18.93
C HIS A 517 29.29 9.22 -19.60
C1 GLC B . -11.59 1.28 0.51
C2 GLC B . -10.75 0.06 0.88
C3 GLC B . -9.26 0.33 0.90
C4 GLC B . -8.85 0.98 -0.42
C5 GLC B . -9.59 2.27 -0.57
C6 GLC B . -9.28 2.87 -1.93
O1 GLC B . -11.42 2.18 1.54
O2 GLC B . -11.01 -0.34 2.29
O3 GLC B . -8.58 -0.93 1.04
O4 GLC B . -7.45 1.20 -0.39
O5 GLC B . -11.05 2.02 -0.58
O6 GLC B . -9.67 4.22 -2.07
C1 GLC B . -6.65 0.29 -1.14
C2 GLC B . -5.44 0.05 -0.24
C3 GLC B . -4.68 1.32 -0.05
C4 GLC B . -4.25 1.93 -1.36
C5 GLC B . -5.47 2.14 -2.24
C6 GLC B . -5.03 2.57 -3.63
O2 GLC B . -5.85 -0.61 0.97
O3 GLC B . -3.51 1.00 0.79
O4 GLC B . -3.60 3.19 -1.14
O5 GLC B . -6.17 0.91 -2.32
O6 GLC B . -6.22 3.10 -4.29
N1 JKQ C . 25.81 13.45 1.99
N3 JKQ C . 29.35 15.66 2.02
C4 JKQ C . 28.46 13.93 4.47
C5 JKQ C . 27.83 14.15 3.19
C6 JKQ C . 26.60 13.41 3.07
C7 JKQ C . 26.25 14.22 0.98
C8 JKQ C . 28.20 14.96 2.07
C10 JKQ C . 31.07 17.24 1.29
C13 JKQ C . 29.79 15.96 4.98
C15 JKQ C . 32.07 15.78 5.74
C17 JKQ C . 31.40 17.95 5.53
C1 JKQ C . 26.85 12.66 7.63
O1 JKQ C . 28.43 17.72 -0.66
S1 JKQ C . 26.30 12.49 4.50
C2 JKQ C . 28.03 12.56 6.68
N2 JKQ C . 27.39 14.95 0.98
O2 JKQ C . 27.79 18.05 1.44
C3 JKQ C . 27.74 13.04 5.31
N4 JKQ C . 33.11 16.63 6.10
C9 JKQ C . 29.70 16.68 1.04
C11 JKQ C . 28.54 17.55 0.58
C12 JKQ C . 29.73 14.58 4.90
C14 JKQ C . 30.97 16.60 5.38
C16 JKQ C . 32.69 17.93 5.96
C18 JKQ C . 32.00 14.39 5.71
C19 JKQ C . 30.83 13.80 5.28
NA NA D . -8.66 8.92 1.56
#